data_3B1S
#
_entry.id   3B1S
#
_cell.length_a   114.600
_cell.length_b   33.750
_cell.length_c   122.370
_cell.angle_alpha   90.00
_cell.angle_beta   107.78
_cell.angle_gamma   90.00
#
_symmetry.space_group_name_H-M   'C 1 2 1'
#
loop_
_entity.id
_entity.type
_entity.pdbx_description
1 polymer 'Flagellar biosynthetic protein flhB'
2 polymer 'Flagellar biosynthetic protein flhB'
3 water water
#
loop_
_entity_poly.entity_id
_entity_poly.type
_entity_poly.pdbx_seq_one_letter_code
_entity_poly.pdbx_strand_id
1 'polypeptide(L)' MKIMMSRRELKEEYKQLEGHPEVKSRIKARMRELAKSRMMAEVPKATVVITN A,C,E
2 'polypeptide(L)'
;PTHIAIALKYNPEKDKAPVVVAKGKGTIAQKIVEIAENYSIPVVRKPELARALYPAVEVGKEISPKFYKAVAEIIAYVMF
KKKKVYA
;
B,D,F
#
# COMPACT_ATOMS: atom_id res chain seq x y z
N PRO A 21 -13.03 26.48 -42.11
CA PRO A 21 -14.41 26.42 -42.61
C PRO A 21 -15.43 26.10 -41.50
N GLU A 22 -16.51 26.89 -41.44
CA GLU A 22 -17.49 26.83 -40.35
C GLU A 22 -18.16 25.45 -40.26
N VAL A 23 -18.73 24.95 -41.34
CA VAL A 23 -19.38 23.63 -41.32
C VAL A 23 -18.50 22.40 -41.11
N LYS A 24 -17.41 22.30 -41.83
CA LYS A 24 -16.55 21.17 -41.62
C LYS A 24 -16.09 21.10 -40.18
N SER A 25 -15.70 22.20 -39.59
CA SER A 25 -15.34 22.14 -38.20
C SER A 25 -16.49 21.90 -37.26
N ARG A 26 -17.69 22.22 -37.69
CA ARG A 26 -18.81 21.98 -36.81
C ARG A 26 -19.14 20.51 -36.85
N ILE A 27 -18.85 19.88 -37.98
CA ILE A 27 -19.09 18.45 -38.13
C ILE A 27 -18.10 17.70 -37.28
N LYS A 28 -16.83 18.11 -37.41
CA LYS A 28 -15.74 17.55 -36.61
C LYS A 28 -16.05 17.64 -35.15
N ALA A 29 -16.41 18.83 -34.70
CA ALA A 29 -16.70 19.05 -33.27
C ALA A 29 -17.70 18.03 -32.82
N ARG A 30 -18.79 17.96 -33.56
CA ARG A 30 -19.85 17.05 -33.24
C ARG A 30 -19.42 15.60 -33.29
N MET A 31 -18.66 15.19 -34.27
CA MET A 31 -18.17 13.81 -34.21
C MET A 31 -17.34 13.57 -32.93
N ARG A 32 -16.51 14.56 -32.57
CA ARG A 32 -15.75 14.49 -31.31
C ARG A 32 -16.75 14.32 -30.19
N GLU A 33 -17.78 15.14 -30.18
CA GLU A 33 -18.69 15.04 -29.08
C GLU A 33 -19.38 13.65 -29.01
N LEU A 34 -19.78 13.11 -30.14
CA LEU A 34 -20.47 11.84 -30.18
C LEU A 34 -19.59 10.69 -29.77
N ALA A 35 -18.35 10.75 -30.18
CA ALA A 35 -17.36 9.75 -29.78
C ALA A 35 -17.30 9.73 -28.24
N LYS A 36 -17.25 10.89 -27.62
CA LYS A 36 -17.25 10.96 -26.18
C LYS A 36 -18.49 10.42 -25.48
N SER A 37 -19.69 10.74 -25.91
CA SER A 37 -20.81 10.08 -25.26
C SER A 37 -20.73 8.55 -25.31
N ARG A 38 -20.27 7.99 -26.43
CA ARG A 38 -20.15 6.53 -26.55
C ARG A 38 -19.18 6.05 -25.44
N MET A 39 -18.00 6.65 -25.43
CA MET A 39 -16.95 6.26 -24.53
C MET A 39 -17.37 6.29 -23.03
N MET A 40 -17.98 7.40 -22.57
CA MET A 40 -18.48 7.54 -21.18
C MET A 40 -19.59 6.62 -20.81
N ALA A 41 -20.29 6.12 -21.79
CA ALA A 41 -21.35 5.17 -21.54
C ALA A 41 -20.75 3.74 -21.39
N GLU A 42 -19.56 3.54 -21.98
CA GLU A 42 -18.90 2.24 -21.95
C GLU A 42 -18.08 2.03 -20.67
N VAL A 43 -17.95 3.10 -19.87
CA VAL A 43 -17.22 3.06 -18.60
C VAL A 43 -17.87 2.18 -17.52
N PRO A 44 -19.17 2.01 -17.54
CA PRO A 44 -19.83 1.19 -16.53
C PRO A 44 -19.45 -0.25 -16.70
N LYS A 45 -18.72 -0.52 -17.76
CA LYS A 45 -18.32 -1.86 -18.13
C LYS A 45 -16.85 -2.06 -17.79
N ALA A 46 -16.21 -1.07 -17.22
CA ALA A 46 -14.81 -1.22 -16.89
C ALA A 46 -14.63 -2.09 -15.68
N THR A 47 -13.41 -2.56 -15.48
CA THR A 47 -13.07 -3.38 -14.33
C THR A 47 -11.95 -2.62 -13.55
N VAL A 48 -11.29 -1.67 -14.20
CA VAL A 48 -10.13 -0.98 -13.58
C VAL A 48 -9.87 0.34 -14.27
N VAL A 49 -9.44 1.35 -13.52
CA VAL A 49 -9.07 2.61 -14.11
C VAL A 49 -7.73 2.97 -13.60
N ILE A 50 -6.83 3.36 -14.48
CA ILE A 50 -5.57 3.87 -14.04
C ILE A 50 -5.62 5.36 -14.10
N THR A 51 -5.07 5.99 -13.06
CA THR A 51 -5.19 7.45 -12.80
C THR A 51 -3.80 8.00 -12.59
N ASN A 52 -3.62 9.30 -12.81
CA ASN A 52 -2.36 9.98 -12.43
C ASN A 52 -2.15 10.13 -10.91
N PRO B 21 20.45 1.55 37.31
CA PRO B 21 19.26 1.18 36.54
C PRO B 21 18.27 2.34 36.47
N GLU B 22 17.68 2.72 37.60
CA GLU B 22 16.73 3.84 37.67
C GLU B 22 17.40 5.10 37.23
N VAL B 23 18.71 5.14 37.38
CA VAL B 23 19.46 6.34 37.09
C VAL B 23 19.69 6.49 35.59
N LYS B 24 20.26 5.49 34.94
CA LYS B 24 20.45 5.56 33.48
C LYS B 24 19.12 5.54 32.72
N SER B 25 18.07 4.96 33.30
CA SER B 25 16.75 5.03 32.68
C SER B 25 16.25 6.47 32.68
N ARG B 26 16.38 7.16 33.80
CA ARG B 26 15.92 8.54 33.89
C ARG B 26 16.73 9.51 32.99
N ILE B 27 18.02 9.24 32.84
CA ILE B 27 18.83 10.01 31.91
C ILE B 27 18.51 9.75 30.44
N LYS B 28 18.14 8.54 30.05
CA LYS B 28 17.84 8.36 28.64
C LYS B 28 16.54 9.11 28.36
N ALA B 29 15.58 8.95 29.27
CA ALA B 29 14.26 9.55 29.18
C ALA B 29 14.47 11.00 28.98
N ARG B 30 15.23 11.64 29.89
CA ARG B 30 15.41 13.09 29.76
C ARG B 30 16.06 13.52 28.46
N MET B 31 17.00 12.73 28.00
CA MET B 31 17.61 13.05 26.73
C MET B 31 16.59 12.98 25.59
N ARG B 32 15.64 12.05 25.72
CA ARG B 32 14.56 12.03 24.77
C ARG B 32 13.66 13.29 24.79
N GLU B 33 13.22 13.77 25.94
CA GLU B 33 12.39 14.97 25.96
C GLU B 33 13.12 16.16 25.36
N LEU B 34 14.43 16.24 25.59
CA LEU B 34 15.21 17.39 25.15
C LEU B 34 15.34 17.37 23.63
N ALA B 35 15.65 16.20 23.09
CA ALA B 35 15.69 15.97 21.65
C ALA B 35 14.31 16.28 21.05
N LYS B 36 13.27 15.84 21.72
CA LYS B 36 11.98 16.09 21.23
C LYS B 36 11.67 17.61 21.14
N SER B 37 12.04 18.39 22.16
CA SER B 37 11.73 19.82 22.15
C SER B 37 12.60 20.56 21.18
N ARG B 38 13.88 20.20 21.14
CA ARG B 38 14.69 20.82 20.11
C ARG B 38 14.02 20.56 18.75
N MET B 39 13.64 19.32 18.43
CA MET B 39 12.93 19.08 17.16
C MET B 39 11.66 19.91 16.93
N MET B 40 10.75 19.91 17.90
CA MET B 40 9.50 20.60 17.76
C MET B 40 9.71 22.10 17.58
N ALA B 41 10.77 22.64 18.16
CA ALA B 41 11.07 24.06 18.03
C ALA B 41 11.37 24.38 16.56
N GLU B 42 11.61 23.36 15.78
CA GLU B 42 12.06 23.58 14.46
C GLU B 42 10.89 23.46 13.50
N VAL B 43 9.77 22.89 13.97
CA VAL B 43 8.62 22.68 13.11
C VAL B 43 8.12 24.04 12.56
N PRO B 44 8.19 25.11 13.36
CA PRO B 44 7.69 26.30 12.68
C PRO B 44 8.58 26.87 11.53
N LYS B 45 9.68 26.23 11.14
CA LYS B 45 10.42 26.76 9.96
C LYS B 45 10.08 25.92 8.77
N ALA B 46 9.30 24.87 8.99
CA ALA B 46 8.98 23.97 7.92
C ALA B 46 8.30 24.79 6.86
N THR B 47 8.37 24.35 5.60
CA THR B 47 7.41 24.91 4.64
C THR B 47 6.32 23.92 4.17
N VAL B 48 6.41 22.66 4.53
CA VAL B 48 5.33 21.72 4.28
C VAL B 48 5.38 20.63 5.27
N VAL B 49 4.28 19.98 5.59
CA VAL B 49 4.38 18.73 6.32
C VAL B 49 3.75 17.65 5.47
N ILE B 50 4.48 16.56 5.28
CA ILE B 50 3.96 15.43 4.53
C ILE B 50 3.41 14.44 5.53
N THR B 51 2.20 13.93 5.32
CA THR B 51 1.56 13.06 6.34
C THR B 51 0.87 11.82 5.75
N ASN B 52 0.36 10.93 6.59
CA ASN B 52 -0.51 9.83 6.11
C ASN B 52 -2.00 10.07 6.48
N PRO C 21 -3.51 -17.98 -21.42
CA PRO C 21 -3.22 -16.61 -21.90
C PRO C 21 -2.17 -15.92 -21.02
N GLU C 22 -1.15 -15.29 -21.63
CA GLU C 22 -0.06 -14.66 -20.86
C GLU C 22 -0.49 -13.83 -19.65
N VAL C 23 -1.48 -12.96 -19.88
CA VAL C 23 -1.96 -11.99 -18.89
C VAL C 23 -2.69 -12.67 -17.71
N LYS C 24 -3.57 -13.62 -18.01
CA LYS C 24 -4.19 -14.39 -16.93
C LYS C 24 -3.12 -15.17 -16.18
N SER C 25 -1.99 -15.36 -16.82
CA SER C 25 -0.97 -16.16 -16.20
C SER C 25 -0.20 -15.29 -15.23
N ARG C 26 0.34 -14.16 -15.71
CA ARG C 26 1.12 -13.28 -14.85
C ARG C 26 0.23 -12.77 -13.71
N ILE C 27 -1.08 -12.74 -13.87
CA ILE C 27 -1.89 -12.33 -12.75
C ILE C 27 -1.99 -13.33 -11.61
N LYS C 28 -2.35 -14.57 -11.89
CA LYS C 28 -2.35 -15.52 -10.81
C LYS C 28 -0.96 -15.54 -10.19
N ALA C 29 0.05 -15.47 -11.02
CA ALA C 29 1.42 -15.38 -10.50
C ALA C 29 1.46 -14.39 -9.38
N ARG C 30 1.02 -13.17 -9.69
CA ARG C 30 1.22 -12.02 -8.81
C ARG C 30 0.34 -12.10 -7.55
N MET C 31 -0.94 -12.40 -7.68
CA MET C 31 -1.76 -12.65 -6.49
C MET C 31 -1.18 -13.71 -5.53
N ARG C 32 -0.91 -14.92 -6.03
CA ARG C 32 -0.29 -15.93 -5.20
C ARG C 32 0.93 -15.29 -4.58
N GLU C 33 1.73 -14.60 -5.41
CA GLU C 33 2.97 -14.01 -4.95
C GLU C 33 2.77 -12.96 -3.88
N LEU C 34 1.67 -12.20 -3.97
CA LEU C 34 1.38 -11.15 -3.00
C LEU C 34 0.92 -11.80 -1.71
N ALA C 35 0.21 -12.92 -1.86
CA ALA C 35 -0.34 -13.67 -0.72
C ALA C 35 0.80 -14.20 0.14
N LYS C 36 1.88 -14.68 -0.48
CA LYS C 36 3.04 -15.13 0.28
C LYS C 36 3.68 -13.95 0.98
N SER C 37 3.88 -12.85 0.27
CA SER C 37 4.55 -11.70 0.89
C SER C 37 3.76 -11.04 2.02
N ARG C 38 2.47 -10.84 1.83
CA ARG C 38 1.69 -10.30 2.91
C ARG C 38 1.64 -11.24 4.09
N MET C 39 1.34 -12.50 3.81
CA MET C 39 1.35 -13.56 4.83
C MET C 39 2.68 -13.63 5.61
N MET C 40 3.82 -13.59 4.92
CA MET C 40 5.09 -13.74 5.60
C MET C 40 5.34 -12.69 6.64
N ALA C 41 5.00 -11.43 6.36
CA ALA C 41 5.20 -10.35 7.34
C ALA C 41 4.42 -10.63 8.63
N GLU C 42 3.33 -11.38 8.52
CA GLU C 42 2.54 -11.76 9.69
C GLU C 42 3.22 -12.78 10.60
N VAL C 43 4.03 -13.65 10.02
CA VAL C 43 4.67 -14.66 10.83
C VAL C 43 5.20 -14.05 12.12
N PRO C 44 5.78 -12.89 12.05
CA PRO C 44 6.48 -12.32 13.19
C PRO C 44 5.54 -12.17 14.36
N LYS C 45 4.26 -12.24 14.11
CA LYS C 45 3.26 -12.03 15.12
C LYS C 45 2.78 -13.31 15.82
N ALA C 46 3.49 -14.43 15.64
CA ALA C 46 2.95 -15.69 16.15
C ALA C 46 3.53 -16.12 17.51
N THR C 47 2.74 -16.93 18.22
CA THR C 47 3.09 -17.47 19.52
C THR C 47 4.02 -18.64 19.32
N VAL C 48 3.63 -19.54 18.40
CA VAL C 48 4.23 -20.85 18.22
C VAL C 48 4.06 -21.25 16.74
N VAL C 49 4.83 -22.25 16.30
CA VAL C 49 4.69 -22.73 14.95
C VAL C 49 4.76 -24.24 15.05
N ILE C 50 3.69 -24.92 14.58
CA ILE C 50 3.65 -26.37 14.54
C ILE C 50 4.21 -26.86 13.19
N THR C 51 5.04 -27.88 13.20
CA THR C 51 5.60 -28.36 11.94
C THR C 51 5.67 -29.87 12.01
N ASN C 52 6.03 -30.51 10.93
CA ASN C 52 6.48 -31.88 11.02
C ASN C 52 7.75 -31.85 11.88
N PRO D 1 -5.98 21.05 -10.59
CA PRO D 1 -4.87 20.14 -10.84
C PRO D 1 -4.94 19.49 -12.23
N THR D 2 -3.82 18.93 -12.69
CA THR D 2 -3.74 18.08 -13.88
C THR D 2 -4.59 16.79 -13.69
N HIS D 3 -5.24 16.32 -14.76
CA HIS D 3 -6.10 15.12 -14.66
C HIS D 3 -5.96 14.19 -15.86
N ILE D 4 -5.75 12.91 -15.58
CA ILE D 4 -5.75 11.86 -16.60
C ILE D 4 -6.28 10.53 -16.05
N ALA D 5 -6.82 9.71 -16.94
CA ALA D 5 -7.36 8.42 -16.59
C ALA D 5 -7.43 7.46 -17.76
N ILE D 6 -7.28 6.17 -17.52
CA ILE D 6 -7.42 5.12 -18.56
C ILE D 6 -8.28 3.97 -18.12
N ALA D 7 -9.49 3.84 -18.65
CA ALA D 7 -10.37 2.78 -18.22
C ALA D 7 -10.14 1.46 -18.99
N LEU D 8 -10.19 0.32 -18.27
CA LEU D 8 -9.86 -0.97 -18.85
C LEU D 8 -10.91 -1.98 -18.50
N LYS D 9 -11.29 -2.79 -19.48
CA LYS D 9 -12.21 -3.89 -19.26
C LYS D 9 -11.43 -5.13 -19.53
N TYR D 10 -11.60 -6.14 -18.69
CA TYR D 10 -10.84 -7.38 -18.81
C TYR D 10 -11.63 -8.49 -18.15
N ASN D 11 -12.03 -9.47 -18.97
CA ASN D 11 -12.58 -10.72 -18.44
C ASN D 11 -11.48 -11.80 -18.57
N PRO D 12 -11.34 -12.68 -17.56
CA PRO D 12 -10.32 -13.75 -17.60
C PRO D 12 -10.52 -14.89 -18.68
N GLU D 13 -11.76 -15.29 -18.94
CA GLU D 13 -12.00 -16.27 -20.01
C GLU D 13 -12.01 -15.64 -21.43
N LYS D 14 -12.86 -14.64 -21.67
CA LYS D 14 -12.89 -13.97 -22.99
C LYS D 14 -11.76 -13.07 -23.52
N ASP D 15 -11.32 -12.07 -22.77
CA ASP D 15 -10.24 -11.18 -23.22
C ASP D 15 -8.82 -11.74 -22.97
N LYS D 16 -8.06 -11.89 -24.04
CA LYS D 16 -6.67 -12.29 -23.92
C LYS D 16 -5.91 -11.23 -23.15
N ALA D 17 -6.33 -9.99 -23.32
CA ALA D 17 -5.73 -8.84 -22.68
C ALA D 17 -6.80 -7.78 -22.35
N PRO D 18 -6.44 -6.76 -21.55
CA PRO D 18 -7.30 -5.60 -21.27
C PRO D 18 -7.62 -4.67 -22.49
N VAL D 19 -8.92 -4.47 -22.72
CA VAL D 19 -9.46 -3.53 -23.69
C VAL D 19 -9.54 -2.13 -23.06
N VAL D 20 -9.03 -1.12 -23.74
CA VAL D 20 -9.20 0.25 -23.28
C VAL D 20 -10.60 0.72 -23.59
N VAL D 21 -11.45 0.89 -22.59
CA VAL D 21 -12.81 1.33 -22.91
C VAL D 21 -13.00 2.85 -22.88
N ALA D 22 -12.06 3.56 -22.27
CA ALA D 22 -12.09 5.01 -22.21
C ALA D 22 -10.67 5.50 -21.92
N LYS D 23 -10.31 6.69 -22.42
CA LYS D 23 -9.16 7.44 -21.92
C LYS D 23 -9.57 8.93 -21.76
N GLY D 24 -8.93 9.67 -20.85
CA GLY D 24 -9.44 10.99 -20.45
C GLY D 24 -8.50 12.00 -19.81
N LYS D 25 -8.58 13.26 -20.25
CA LYS D 25 -7.84 14.36 -19.60
C LYS D 25 -8.85 15.38 -19.07
N GLY D 26 -8.45 16.11 -18.02
CA GLY D 26 -9.29 17.18 -17.50
C GLY D 26 -10.64 16.69 -16.96
N THR D 27 -11.75 17.22 -17.48
CA THR D 27 -13.04 16.91 -16.88
C THR D 27 -13.53 15.55 -17.36
N ILE D 28 -13.01 15.12 -18.51
CA ILE D 28 -13.24 13.78 -19.08
C ILE D 28 -12.69 12.70 -18.12
N ALA D 29 -11.40 12.81 -17.81
CA ALA D 29 -10.81 11.97 -16.80
C ALA D 29 -11.66 11.88 -15.53
N GLN D 30 -12.01 13.06 -14.98
CA GLN D 30 -12.78 13.17 -13.74
C GLN D 30 -14.12 12.43 -13.88
N LYS D 31 -14.71 12.51 -15.06
CA LYS D 31 -15.99 11.84 -15.36
C LYS D 31 -15.88 10.36 -15.32
N ILE D 32 -14.79 9.84 -15.85
CA ILE D 32 -14.56 8.43 -15.81
C ILE D 32 -14.38 7.94 -14.38
N VAL D 33 -13.47 8.55 -13.65
CA VAL D 33 -13.37 8.27 -12.23
C VAL D 33 -14.73 8.26 -11.53
N GLU D 34 -15.59 9.24 -11.82
CA GLU D 34 -16.79 9.46 -11.04
C GLU D 34 -17.81 8.39 -11.35
N ILE D 35 -17.97 8.06 -12.62
CA ILE D 35 -18.89 7.02 -13.02
C ILE D 35 -18.39 5.74 -12.45
N ALA D 36 -17.10 5.54 -12.56
CA ALA D 36 -16.55 4.32 -12.04
C ALA D 36 -16.73 4.27 -10.55
N GLU D 37 -16.33 5.29 -9.83
CA GLU D 37 -16.49 5.13 -8.44
C GLU D 37 -17.96 4.87 -8.36
N ASN D 38 -18.73 5.53 -9.17
CA ASN D 38 -20.14 5.29 -9.03
C ASN D 38 -20.44 3.82 -9.16
N TYR D 39 -19.83 3.12 -10.10
CA TYR D 39 -20.14 1.69 -10.23
C TYR D 39 -19.35 0.73 -9.31
N SER D 40 -18.58 1.31 -8.39
CA SER D 40 -17.69 0.56 -7.49
C SER D 40 -16.59 -0.17 -8.27
N ILE D 41 -16.21 0.41 -9.39
CA ILE D 41 -15.08 -0.02 -10.18
C ILE D 41 -13.83 0.63 -9.55
N PRO D 42 -12.82 -0.18 -9.32
CA PRO D 42 -11.59 0.21 -8.66
C PRO D 42 -10.85 1.23 -9.45
N VAL D 43 -10.01 1.98 -8.77
CA VAL D 43 -9.38 3.11 -9.37
C VAL D 43 -7.98 3.18 -8.79
N VAL D 44 -6.99 3.18 -9.64
CA VAL D 44 -5.65 3.02 -9.14
C VAL D 44 -4.78 4.20 -9.53
N ARG D 45 -4.06 4.74 -8.56
CA ARG D 45 -3.21 5.85 -8.86
C ARG D 45 -1.83 5.42 -9.22
N LYS D 46 -1.55 5.47 -10.50
CA LYS D 46 -0.23 5.08 -11.01
C LYS D 46 0.33 6.03 -12.10
N PRO D 47 0.76 7.21 -11.72
CA PRO D 47 1.03 8.29 -12.65
C PRO D 47 2.05 8.07 -13.76
N GLU D 48 3.19 7.48 -13.47
CA GLU D 48 4.16 7.22 -14.51
C GLU D 48 3.58 6.29 -15.56
N LEU D 49 2.65 5.45 -15.14
CA LEU D 49 2.04 4.46 -16.01
C LEU D 49 0.92 5.07 -16.85
N ALA D 50 -0.07 5.65 -16.16
CA ALA D 50 -1.15 6.41 -16.80
C ALA D 50 -0.59 7.35 -17.86
N ARG D 51 0.44 8.13 -17.48
CA ARG D 51 1.23 8.94 -18.44
C ARG D 51 1.74 8.10 -19.62
N ALA D 52 2.43 7.00 -19.32
CA ALA D 52 3.06 6.18 -20.35
C ALA D 52 2.03 5.44 -21.20
N LEU D 53 0.85 5.24 -20.64
CA LEU D 53 -0.18 4.41 -21.29
C LEU D 53 -1.08 5.20 -22.27
N TYR D 54 -1.25 6.49 -21.99
CA TYR D 54 -2.22 7.35 -22.69
C TYR D 54 -2.04 7.48 -24.22
N PRO D 55 -0.88 8.02 -24.67
CA PRO D 55 -0.73 8.20 -26.12
C PRO D 55 -0.63 6.86 -26.81
N ALA D 56 -0.31 5.83 -26.02
CA ALA D 56 0.07 4.54 -26.54
C ALA D 56 -1.08 3.78 -27.20
N VAL D 57 -2.22 3.81 -26.55
CA VAL D 57 -3.37 3.05 -26.96
C VAL D 57 -4.59 3.83 -27.34
N GLU D 58 -5.63 3.10 -27.71
CA GLU D 58 -6.82 3.75 -28.18
C GLU D 58 -8.07 3.01 -27.77
N VAL D 59 -9.18 3.74 -27.79
CA VAL D 59 -10.45 3.24 -27.31
C VAL D 59 -11.05 2.11 -28.13
N GLY D 60 -11.25 0.97 -27.46
CA GLY D 60 -11.83 -0.21 -28.07
C GLY D 60 -10.79 -1.25 -28.45
N LYS D 61 -9.53 -0.88 -28.43
CA LYS D 61 -8.50 -1.82 -28.80
C LYS D 61 -7.56 -2.32 -27.67
N GLU D 62 -7.39 -3.63 -27.59
CA GLU D 62 -6.63 -4.29 -26.55
C GLU D 62 -5.25 -3.75 -26.47
N ILE D 63 -4.74 -3.67 -25.27
CA ILE D 63 -3.45 -3.07 -25.01
C ILE D 63 -2.40 -3.87 -25.76
N SER D 64 -1.28 -3.21 -25.95
CA SER D 64 -0.10 -3.83 -26.52
C SER D 64 0.35 -4.95 -25.62
N PRO D 65 0.83 -6.10 -26.23
CA PRO D 65 1.63 -7.07 -25.48
C PRO D 65 2.69 -6.41 -24.56
N LYS D 66 3.28 -5.31 -24.99
CA LYS D 66 4.28 -4.72 -24.15
C LYS D 66 3.76 -4.37 -22.79
N PHE D 67 2.58 -3.80 -22.72
CA PHE D 67 2.07 -3.39 -21.43
C PHE D 67 1.71 -4.53 -20.53
N TYR D 68 1.73 -5.75 -21.01
CA TYR D 68 1.16 -6.82 -20.18
C TYR D 68 1.85 -6.84 -18.83
N LYS D 69 3.06 -6.32 -18.78
CA LYS D 69 3.83 -6.28 -17.56
C LYS D 69 3.29 -5.48 -16.38
N ALA D 70 2.88 -4.25 -16.62
CA ALA D 70 2.47 -3.38 -15.53
C ALA D 70 0.97 -3.42 -15.25
N VAL D 71 0.21 -3.80 -16.27
CA VAL D 71 -1.25 -3.80 -16.21
C VAL D 71 -1.68 -4.99 -15.39
N ALA D 72 -1.00 -6.10 -15.63
CA ALA D 72 -1.32 -7.39 -15.03
C ALA D 72 -0.96 -7.34 -13.56
N GLU D 73 0.12 -6.62 -13.26
CA GLU D 73 0.50 -6.33 -11.87
C GLU D 73 -0.61 -5.56 -11.16
N ILE D 74 -1.18 -4.57 -11.83
CA ILE D 74 -2.29 -3.83 -11.26
C ILE D 74 -3.55 -4.64 -11.12
N ILE D 75 -3.95 -5.35 -12.14
CA ILE D 75 -5.18 -6.13 -12.04
C ILE D 75 -5.00 -7.03 -10.88
N ALA D 76 -3.80 -7.52 -10.70
CA ALA D 76 -3.46 -8.38 -9.59
C ALA D 76 -3.68 -7.65 -8.27
N TYR D 77 -3.11 -6.48 -8.10
CA TYR D 77 -3.29 -5.83 -6.83
C TYR D 77 -4.75 -5.61 -6.60
N VAL D 78 -5.42 -5.10 -7.59
CA VAL D 78 -6.83 -4.87 -7.41
C VAL D 78 -7.55 -6.09 -6.86
N MET D 79 -7.27 -7.25 -7.44
CA MET D 79 -8.00 -8.49 -7.08
C MET D 79 -7.52 -9.15 -5.76
N PHE D 80 -6.26 -8.97 -5.42
CA PHE D 80 -5.80 -9.45 -4.15
C PHE D 80 -6.53 -8.68 -3.05
N LYS D 81 -6.56 -7.38 -3.16
CA LYS D 81 -7.26 -6.66 -2.14
C LYS D 81 -8.70 -7.09 -2.07
N LYS D 82 -9.39 -7.22 -3.18
CA LYS D 82 -10.81 -7.58 -3.09
C LYS D 82 -11.10 -9.00 -2.58
N LYS D 83 -10.12 -9.88 -2.51
CA LYS D 83 -10.46 -11.23 -2.04
C LYS D 83 -10.92 -11.40 -0.60
N LYS D 84 -10.20 -10.84 0.36
CA LYS D 84 -10.59 -10.96 1.78
C LYS D 84 -12.03 -10.43 2.07
N VAL D 85 -12.28 -9.16 1.69
CA VAL D 85 -13.62 -8.54 1.40
C VAL D 85 -13.49 -7.02 1.32
N PRO E 1 -5.36 3.27 14.91
CA PRO E 1 -5.03 4.50 14.17
C PRO E 1 -3.55 4.85 14.29
N THR E 2 -2.76 4.32 13.36
CA THR E 2 -1.35 4.69 13.13
C THR E 2 -1.19 6.10 12.45
N HIS E 3 -0.32 6.96 13.00
CA HIS E 3 -0.05 8.29 12.40
C HIS E 3 1.45 8.53 11.98
N ILE E 4 1.72 9.41 11.02
CA ILE E 4 3.11 9.63 10.57
C ILE E 4 3.26 11.01 9.96
N ALA E 5 4.31 11.74 10.34
CA ALA E 5 4.59 13.10 9.85
C ALA E 5 6.06 13.33 9.47
N ILE E 6 6.29 14.04 8.37
CA ILE E 6 7.60 14.50 8.06
C ILE E 6 7.50 16.00 7.80
N ALA E 7 8.22 16.79 8.59
CA ALA E 7 8.24 18.24 8.38
C ALA E 7 9.40 18.66 7.47
N LEU E 8 9.15 19.26 6.34
CA LEU E 8 10.26 19.64 5.47
C LEU E 8 10.48 21.14 5.37
N LYS E 9 11.68 21.54 5.04
CA LYS E 9 12.00 22.93 4.81
C LYS E 9 12.74 23.04 3.49
N TYR E 10 12.40 24.02 2.67
CA TYR E 10 13.06 24.26 1.41
C TYR E 10 13.01 25.74 1.10
N ASN E 11 14.18 26.35 1.05
CA ASN E 11 14.41 27.72 0.67
C ASN E 11 15.23 27.60 -0.64
N PRO E 12 14.66 28.05 -1.77
CA PRO E 12 15.30 27.61 -3.01
C PRO E 12 16.58 28.37 -3.37
N GLU E 13 16.73 29.57 -2.88
CA GLU E 13 17.95 30.25 -3.17
C GLU E 13 19.15 29.54 -2.58
N LYS E 14 18.95 28.85 -1.48
CA LYS E 14 20.04 28.36 -0.66
C LYS E 14 20.15 26.84 -0.60
N ASP E 15 19.04 26.16 -0.87
CA ASP E 15 19.00 24.73 -0.69
C ASP E 15 19.04 23.97 -1.99
N LYS E 16 19.83 22.91 -2.02
CA LYS E 16 19.79 21.98 -3.10
C LYS E 16 18.51 21.18 -3.08
N ALA E 17 18.17 20.70 -1.89
CA ALA E 17 16.98 19.93 -1.67
C ALA E 17 16.32 20.30 -0.33
N PRO E 18 15.07 19.85 -0.15
CA PRO E 18 14.38 20.06 1.12
C PRO E 18 15.11 19.40 2.29
N VAL E 19 15.06 20.04 3.44
CA VAL E 19 15.65 19.50 4.66
C VAL E 19 14.58 19.07 5.66
N VAL E 20 14.67 17.84 6.16
CA VAL E 20 13.77 17.37 7.21
C VAL E 20 14.04 18.11 8.52
N VAL E 21 13.11 18.98 8.94
CA VAL E 21 13.28 19.70 10.17
C VAL E 21 12.68 18.89 11.32
N ALA E 22 11.81 17.91 11.05
CA ALA E 22 11.22 17.03 12.06
C ALA E 22 10.53 15.79 11.50
N LYS E 23 10.35 14.73 12.28
CA LYS E 23 9.57 13.56 11.85
C LYS E 23 8.99 12.81 13.06
N GLY E 24 7.95 12.00 12.87
CA GLY E 24 7.38 11.28 14.00
C GLY E 24 6.19 10.36 13.74
N LYS E 25 5.92 9.48 14.72
CA LYS E 25 4.80 8.54 14.67
C LYS E 25 3.91 8.77 15.85
N GLY E 26 2.67 8.28 15.76
CA GLY E 26 1.74 8.39 16.85
C GLY E 26 1.74 9.81 17.43
N THR E 27 1.76 9.91 18.77
CA THR E 27 1.54 11.15 19.46
C THR E 27 2.46 12.27 18.92
N ILE E 28 3.68 11.91 18.55
CA ILE E 28 4.65 12.92 18.14
C ILE E 28 4.26 13.56 16.75
N ALA E 29 3.81 12.73 15.85
CA ALA E 29 3.29 13.20 14.58
C ALA E 29 2.11 14.10 14.78
N GLN E 30 1.27 13.83 15.77
CA GLN E 30 0.15 14.74 15.98
C GLN E 30 0.67 16.06 16.50
N LYS E 31 1.75 16.01 17.24
CA LYS E 31 2.30 17.26 17.75
C LYS E 31 2.87 18.03 16.56
N ILE E 32 3.54 17.37 15.62
CA ILE E 32 4.09 18.09 14.47
C ILE E 32 2.97 18.80 13.69
N VAL E 33 1.89 18.09 13.44
CA VAL E 33 0.84 18.66 12.64
C VAL E 33 0.06 19.77 13.35
N GLU E 34 -0.28 19.59 14.61
CA GLU E 34 -0.82 20.67 15.46
C GLU E 34 0.05 21.92 15.40
N ILE E 35 1.35 21.79 15.68
CA ILE E 35 2.24 22.95 15.56
C ILE E 35 2.22 23.43 14.10
N ALA E 36 2.38 22.52 13.13
CA ALA E 36 2.18 22.93 11.70
C ALA E 36 0.90 23.79 11.44
N GLU E 37 -0.25 23.26 11.83
CA GLU E 37 -1.51 23.87 11.56
C GLU E 37 -1.56 25.25 12.16
N ASN E 38 -1.22 25.34 13.43
CA ASN E 38 -1.32 26.59 14.10
C ASN E 38 -0.37 27.60 13.55
N TYR E 39 0.73 27.15 12.96
CA TYR E 39 1.57 28.04 12.16
C TYR E 39 1.17 28.21 10.69
N SER E 40 -0.02 27.72 10.29
CA SER E 40 -0.46 27.84 8.87
C SER E 40 0.57 27.21 7.93
N ILE E 41 1.14 26.12 8.34
CA ILE E 41 1.99 25.36 7.45
C ILE E 41 1.10 24.33 6.72
N PRO E 42 1.29 24.15 5.43
CA PRO E 42 0.45 23.25 4.75
C PRO E 42 0.80 21.88 5.22
N VAL E 43 -0.21 21.05 5.48
CA VAL E 43 0.00 19.66 5.81
C VAL E 43 -0.58 18.87 4.66
N VAL E 44 0.25 18.18 3.88
CA VAL E 44 -0.29 17.38 2.79
C VAL E 44 -0.32 15.86 3.08
N ARG E 45 -1.52 15.25 3.05
CA ARG E 45 -1.67 13.78 3.21
C ARG E 45 -1.23 12.94 2.01
N LYS E 46 -0.14 12.19 2.15
CA LYS E 46 0.33 11.33 1.08
C LYS E 46 0.80 9.98 1.61
N PRO E 47 -0.14 9.06 1.93
CA PRO E 47 0.29 7.85 2.65
C PRO E 47 1.48 7.09 2.03
N GLU E 48 1.47 6.81 0.74
CA GLU E 48 2.54 5.98 0.23
C GLU E 48 3.89 6.68 0.37
N LEU E 49 3.91 8.01 0.16
CA LEU E 49 5.18 8.77 0.20
C LEU E 49 5.72 8.98 1.60
N ALA E 50 4.82 9.20 2.56
CA ALA E 50 5.21 9.27 3.96
C ALA E 50 5.79 7.92 4.33
N ARG E 51 5.07 6.85 3.96
CA ARG E 51 5.47 5.49 4.37
C ARG E 51 6.87 5.09 3.86
N ALA E 52 7.31 5.68 2.77
CA ALA E 52 8.61 5.40 2.28
C ALA E 52 9.59 6.40 2.86
N LEU E 53 9.20 7.67 2.96
CA LEU E 53 10.11 8.73 3.38
C LEU E 53 10.63 8.46 4.77
N TYR E 54 9.70 8.05 5.63
CA TYR E 54 9.96 8.01 7.04
C TYR E 54 11.24 7.23 7.31
N PRO E 55 11.25 5.93 6.92
CA PRO E 55 12.40 5.12 7.29
C PRO E 55 13.69 5.64 6.71
N ALA E 56 13.59 6.32 5.57
CA ALA E 56 14.79 6.69 4.82
C ALA E 56 15.38 8.10 5.08
N VAL E 57 14.96 8.77 6.15
CA VAL E 57 15.57 10.08 6.40
C VAL E 57 15.78 10.52 7.84
N GLU E 58 16.75 11.39 8.02
CA GLU E 58 17.13 11.80 9.35
C GLU E 58 16.95 13.31 9.54
N VAL E 59 16.40 13.72 10.67
CA VAL E 59 16.22 15.14 10.97
C VAL E 59 17.51 15.90 10.75
N GLY E 60 17.42 17.11 10.23
CA GLY E 60 18.59 17.93 9.98
C GLY E 60 19.24 17.62 8.64
N LYS E 61 18.90 16.46 8.06
CA LYS E 61 19.46 15.99 6.80
C LYS E 61 18.54 16.20 5.59
N GLU E 62 19.12 16.64 4.49
CA GLU E 62 18.42 16.83 3.23
C GLU E 62 17.85 15.53 2.72
N ILE E 63 16.76 15.59 1.98
CA ILE E 63 16.20 14.37 1.40
C ILE E 63 17.11 13.83 0.26
N SER E 64 17.10 12.51 0.13
CA SER E 64 17.89 11.90 -0.91
C SER E 64 17.14 11.92 -2.26
N PRO E 65 17.88 11.94 -3.39
CA PRO E 65 17.32 11.99 -4.73
C PRO E 65 16.30 10.93 -5.09
N LYS E 66 16.14 9.89 -4.30
CA LYS E 66 15.09 8.97 -4.61
C LYS E 66 13.78 9.71 -4.51
N PHE E 67 13.79 10.81 -3.79
CA PHE E 67 12.57 11.53 -3.47
C PHE E 67 12.42 12.90 -4.12
N TYR E 68 13.41 13.40 -4.79
CA TYR E 68 13.35 14.74 -5.27
C TYR E 68 12.14 14.98 -6.11
N LYS E 69 11.62 13.95 -6.75
CA LYS E 69 10.53 14.13 -7.72
C LYS E 69 9.14 14.08 -7.07
N ALA E 70 8.94 13.17 -6.12
CA ALA E 70 7.68 13.15 -5.38
C ALA E 70 7.46 14.42 -4.56
N VAL E 71 8.55 14.93 -3.98
CA VAL E 71 8.44 15.96 -3.00
C VAL E 71 8.30 17.26 -3.74
N ALA E 72 9.15 17.49 -4.74
CA ALA E 72 9.02 18.74 -5.49
C ALA E 72 7.67 18.88 -6.21
N GLU E 73 6.96 17.77 -6.41
CA GLU E 73 5.54 17.83 -6.87
C GLU E 73 4.55 18.39 -5.84
N ILE E 74 4.77 18.11 -4.56
CA ILE E 74 4.04 18.65 -3.45
C ILE E 74 4.34 20.14 -3.29
N ILE E 75 5.61 20.48 -3.33
CA ILE E 75 5.96 21.83 -3.09
C ILE E 75 5.40 22.70 -4.21
N ALA E 76 5.54 22.26 -5.44
CA ALA E 76 4.85 22.89 -6.55
C ALA E 76 3.35 23.09 -6.29
N TYR E 77 2.66 22.09 -5.76
CA TYR E 77 1.21 22.20 -5.54
C TYR E 77 0.90 23.16 -4.40
N VAL E 78 1.78 23.13 -3.41
CA VAL E 78 1.67 24.04 -2.31
C VAL E 78 1.95 25.45 -2.79
N MET E 79 3.05 25.69 -3.47
CA MET E 79 3.27 27.05 -3.99
C MET E 79 2.18 27.50 -4.99
N PHE E 80 1.70 26.58 -5.80
CA PHE E 80 0.65 26.94 -6.74
C PHE E 80 -0.60 27.41 -6.03
N LYS E 81 -0.91 26.89 -4.86
CA LYS E 81 -2.16 27.23 -4.20
C LYS E 81 -2.09 28.41 -3.26
N LYS E 82 -1.12 29.28 -3.49
CA LYS E 82 -0.88 30.46 -2.67
C LYS E 82 -1.23 31.77 -3.40
N LYS E 83 -1.98 32.67 -2.74
CA LYS E 83 -2.35 33.94 -3.37
C LYS E 83 -1.50 35.13 -2.82
N LYS E 84 -1.68 36.34 -3.40
CA LYS E 84 -0.82 37.56 -3.20
C LYS E 84 0.05 37.63 -1.95
N PRO F 1 13.54 -33.08 6.87
CA PRO F 1 13.58 -31.61 6.75
C PRO F 1 12.23 -30.95 7.12
N THR F 2 12.19 -29.61 7.25
CA THR F 2 10.91 -28.88 7.35
C THR F 2 10.13 -29.03 6.05
N HIS F 3 8.93 -29.59 6.11
CA HIS F 3 8.12 -29.75 4.93
C HIS F 3 6.66 -29.30 4.99
N ILE F 4 6.22 -28.87 6.15
CA ILE F 4 4.84 -28.41 6.38
C ILE F 4 4.90 -27.57 7.63
N ALA F 5 4.11 -26.52 7.70
CA ALA F 5 4.10 -25.72 8.89
C ALA F 5 2.88 -24.88 9.09
N ILE F 6 2.44 -24.71 10.32
CA ILE F 6 1.31 -23.82 10.57
C ILE F 6 1.66 -22.84 11.67
N ALA F 7 1.62 -21.55 11.39
CA ALA F 7 1.87 -20.58 12.47
C ALA F 7 0.58 -20.21 13.22
N LEU F 8 0.70 -20.08 14.55
CA LEU F 8 -0.43 -19.78 15.39
C LEU F 8 -0.17 -18.53 16.17
N LYS F 9 -1.20 -17.71 16.26
CA LYS F 9 -1.23 -16.61 17.22
C LYS F 9 -2.23 -16.94 18.33
N TYR F 10 -1.88 -16.50 19.52
CA TYR F 10 -2.79 -16.53 20.64
C TYR F 10 -2.56 -15.40 21.64
N ASN F 11 -3.53 -14.51 21.71
CA ASN F 11 -3.44 -13.45 22.69
C ASN F 11 -4.32 -13.82 23.89
N PRO F 12 -3.65 -14.09 25.05
CA PRO F 12 -4.35 -14.59 26.24
C PRO F 12 -5.46 -13.61 26.62
N GLU F 13 -5.13 -12.32 26.61
CA GLU F 13 -5.97 -11.23 27.13
C GLU F 13 -7.42 -11.23 26.59
N LYS F 14 -7.56 -11.10 25.29
CA LYS F 14 -8.85 -11.10 24.63
C LYS F 14 -9.34 -12.49 24.83
N ASP F 15 -10.57 -12.81 24.51
CA ASP F 15 -10.96 -14.17 24.83
C ASP F 15 -11.42 -15.09 23.72
N LYS F 16 -10.85 -14.88 22.54
CA LYS F 16 -11.09 -15.80 21.41
C LYS F 16 -10.02 -16.90 21.30
N ALA F 17 -10.24 -17.88 20.44
CA ALA F 17 -9.31 -19.00 20.27
C ALA F 17 -8.04 -18.63 19.51
N PRO F 18 -7.07 -19.52 19.38
CA PRO F 18 -5.87 -19.13 18.66
C PRO F 18 -6.10 -19.05 17.14
N VAL F 19 -5.45 -18.06 16.53
CA VAL F 19 -5.70 -17.71 15.13
C VAL F 19 -4.54 -18.16 14.24
N VAL F 20 -4.85 -18.92 13.18
CA VAL F 20 -3.80 -19.26 12.20
C VAL F 20 -3.30 -18.02 11.52
N VAL F 21 -2.00 -17.85 11.53
CA VAL F 21 -1.42 -16.66 10.95
C VAL F 21 -0.81 -16.92 9.57
N ALA F 22 -0.37 -18.15 9.38
CA ALA F 22 0.26 -18.58 8.17
C ALA F 22 0.42 -20.05 8.16
N LYS F 23 0.44 -20.64 6.98
CA LYS F 23 0.80 -22.04 6.82
C LYS F 23 1.56 -22.22 5.50
N GLY F 24 2.13 -23.41 5.32
CA GLY F 24 2.85 -23.65 4.09
C GLY F 24 3.43 -25.03 4.00
N LYS F 25 3.75 -25.42 2.77
CA LYS F 25 4.41 -26.65 2.52
C LYS F 25 5.74 -26.39 1.84
N GLY F 26 6.68 -27.33 1.95
CA GLY F 26 7.93 -27.16 1.21
C GLY F 26 8.57 -25.79 1.48
N THR F 27 8.86 -24.99 0.44
CA THR F 27 9.70 -23.82 0.66
C THR F 27 8.97 -22.72 1.43
N ILE F 28 7.66 -22.74 1.46
CA ILE F 28 6.96 -21.75 2.28
C ILE F 28 7.04 -22.22 3.75
N ALA F 29 6.78 -23.48 4.02
CA ALA F 29 7.04 -24.02 5.31
C ALA F 29 8.43 -23.59 5.77
N GLN F 30 9.47 -23.74 4.96
CA GLN F 30 10.81 -23.32 5.44
C GLN F 30 10.88 -21.85 5.83
N LYS F 31 10.36 -20.97 5.00
CA LYS F 31 10.47 -19.55 5.29
C LYS F 31 9.82 -19.18 6.64
N ILE F 32 8.57 -19.60 6.81
CA ILE F 32 7.84 -19.47 8.06
C ILE F 32 8.74 -19.94 9.18
N VAL F 33 9.31 -21.13 9.05
CA VAL F 33 10.18 -21.59 10.15
C VAL F 33 11.31 -20.59 10.32
N GLU F 34 12.03 -20.32 9.23
CA GLU F 34 13.17 -19.40 9.26
C GLU F 34 12.74 -18.08 9.84
N ILE F 35 11.55 -17.58 9.45
CA ILE F 35 11.10 -16.31 9.99
C ILE F 35 11.04 -16.52 11.48
N ALA F 36 10.45 -17.64 11.89
CA ALA F 36 10.33 -17.87 13.30
C ALA F 36 11.60 -18.07 14.10
N GLU F 37 12.46 -19.00 13.71
CA GLU F 37 13.75 -19.17 14.43
C GLU F 37 14.57 -17.91 14.62
N ASN F 38 14.69 -17.08 13.58
CA ASN F 38 15.36 -15.79 13.73
C ASN F 38 14.66 -14.90 14.74
N TYR F 39 13.33 -14.82 14.70
CA TYR F 39 12.61 -13.93 15.61
C TYR F 39 12.32 -14.58 16.97
N SER F 40 12.85 -15.77 17.19
CA SER F 40 12.61 -16.48 18.44
C SER F 40 11.15 -16.84 18.85
N ILE F 41 10.37 -17.33 17.88
CA ILE F 41 9.07 -17.96 18.17
C ILE F 41 9.29 -19.45 18.38
N PRO F 42 8.64 -20.06 19.38
CA PRO F 42 8.95 -21.47 19.41
C PRO F 42 8.40 -22.22 18.18
N VAL F 43 9.24 -23.08 17.64
CA VAL F 43 8.88 -23.96 16.60
C VAL F 43 8.79 -25.29 17.28
N VAL F 44 7.66 -25.98 17.08
CA VAL F 44 7.39 -27.25 17.73
C VAL F 44 7.12 -28.35 16.70
N ARG F 45 7.74 -29.50 16.88
CA ARG F 45 7.53 -30.62 16.00
C ARG F 45 6.46 -31.59 16.48
N LYS F 46 5.25 -31.40 15.94
CA LYS F 46 4.11 -32.26 16.22
C LYS F 46 3.52 -32.83 14.94
N PRO F 47 4.21 -33.80 14.33
CA PRO F 47 3.84 -34.22 12.99
C PRO F 47 2.39 -34.60 12.78
N GLU F 48 1.81 -35.37 13.66
CA GLU F 48 0.47 -35.84 13.44
C GLU F 48 -0.53 -34.71 13.45
N LEU F 49 -0.33 -33.79 14.37
CA LEU F 49 -1.22 -32.68 14.52
C LEU F 49 -1.05 -31.74 13.33
N ALA F 50 0.18 -31.67 12.80
CA ALA F 50 0.44 -30.82 11.64
C ALA F 50 -0.29 -31.27 10.38
N ARG F 51 -0.26 -32.56 10.04
CA ARG F 51 -1.03 -33.06 8.88
C ARG F 51 -2.49 -32.69 8.99
N ALA F 52 -3.16 -33.24 9.99
CA ALA F 52 -4.58 -33.04 10.09
C ALA F 52 -4.94 -31.56 10.40
N LEU F 53 -4.02 -30.81 10.96
CA LEU F 53 -4.36 -29.44 11.18
C LEU F 53 -4.48 -28.67 9.84
N TYR F 54 -3.55 -28.92 8.90
CA TYR F 54 -3.33 -28.11 7.70
C TYR F 54 -4.55 -27.95 6.81
N PRO F 55 -5.20 -29.06 6.42
CA PRO F 55 -6.28 -28.80 5.51
C PRO F 55 -7.47 -28.22 6.22
N ALA F 56 -7.53 -28.39 7.54
CA ALA F 56 -8.72 -27.98 8.26
C ALA F 56 -8.69 -26.52 8.47
N VAL F 57 -7.57 -25.91 8.29
CA VAL F 57 -7.46 -24.57 8.79
C VAL F 57 -7.19 -23.54 7.76
N GLU F 58 -7.59 -22.33 8.06
CA GLU F 58 -7.51 -21.25 7.06
C GLU F 58 -6.86 -20.04 7.66
N VAL F 59 -5.93 -19.46 6.94
CA VAL F 59 -5.20 -18.31 7.42
C VAL F 59 -6.15 -17.19 7.72
N GLY F 60 -5.82 -16.35 8.69
CA GLY F 60 -6.74 -15.32 9.19
C GLY F 60 -7.84 -15.82 10.13
N LYS F 61 -8.14 -17.11 10.13
CA LYS F 61 -9.20 -17.69 10.97
C LYS F 61 -8.77 -18.36 12.28
N GLU F 62 -9.74 -18.69 13.13
CA GLU F 62 -9.51 -19.35 14.41
C GLU F 62 -9.45 -20.83 14.16
N ILE F 63 -8.67 -21.54 14.94
CA ILE F 63 -8.66 -22.98 14.83
C ILE F 63 -10.06 -23.53 15.15
N SER F 64 -10.37 -24.70 14.65
CA SER F 64 -11.64 -25.32 14.94
C SER F 64 -11.66 -25.96 16.30
N PRO F 65 -12.84 -26.21 16.86
CA PRO F 65 -12.91 -26.90 18.15
C PRO F 65 -12.38 -28.33 18.11
N LYS F 66 -12.16 -28.86 16.93
CA LYS F 66 -11.57 -30.17 16.84
C LYS F 66 -10.20 -30.22 17.52
N PHE F 67 -9.45 -29.11 17.49
CA PHE F 67 -8.04 -29.06 17.96
C PHE F 67 -7.79 -28.24 19.22
N TYR F 68 -8.84 -27.85 19.93
CA TYR F 68 -8.65 -26.94 21.07
C TYR F 68 -7.60 -27.47 22.02
N LYS F 69 -7.74 -28.75 22.32
CA LYS F 69 -6.97 -29.42 23.39
C LYS F 69 -5.51 -29.47 22.96
N ALA F 70 -5.29 -30.12 21.81
CA ALA F 70 -3.97 -30.39 21.30
C ALA F 70 -3.13 -29.10 21.21
N VAL F 71 -3.75 -27.97 20.88
CA VAL F 71 -3.03 -26.71 20.78
C VAL F 71 -2.97 -26.05 22.11
N ALA F 72 -4.05 -26.21 22.89
CA ALA F 72 -4.10 -25.68 24.24
C ALA F 72 -2.85 -26.13 25.00
N GLU F 73 -2.63 -27.43 24.93
CA GLU F 73 -1.48 -28.00 25.57
C GLU F 73 -0.11 -27.53 25.02
N ILE F 74 0.06 -27.43 23.69
CA ILE F 74 1.30 -26.97 23.10
C ILE F 74 1.59 -25.59 23.60
N ILE F 75 0.56 -24.72 23.59
CA ILE F 75 0.78 -23.34 24.02
C ILE F 75 1.21 -23.28 25.44
N ALA F 76 0.58 -24.11 26.27
CA ALA F 76 0.89 -24.25 27.68
C ALA F 76 2.36 -24.58 27.89
N TYR F 77 2.88 -25.53 27.10
CA TYR F 77 4.27 -25.90 27.15
C TYR F 77 5.09 -24.65 26.95
N VAL F 78 4.85 -23.97 25.84
CA VAL F 78 5.70 -22.86 25.47
C VAL F 78 5.56 -21.64 26.38
N MET F 79 4.41 -21.47 27.00
CA MET F 79 4.35 -20.56 28.09
C MET F 79 5.08 -21.10 29.31
N PHE F 80 5.01 -22.39 29.55
CA PHE F 80 5.70 -22.88 30.72
C PHE F 80 7.21 -22.78 30.58
N LYS F 81 7.69 -22.76 29.34
CA LYS F 81 9.11 -22.83 28.90
C LYS F 81 9.69 -24.25 28.83
#